data_6VH0
#
_entry.id   6VH0
#
_cell.length_a   75.912
_cell.length_b   91.751
_cell.length_c   100.349
_cell.angle_alpha   90.000
_cell.angle_beta   90.000
_cell.angle_gamma   90.000
#
_symmetry.space_group_name_H-M   'P 21 21 21'
#
loop_
_entity.id
_entity.type
_entity.pdbx_description
1 polymer 'Orf1a protein'
2 non-polymer N~2~-{[(5-ethyl-1,3-dioxan-5-yl)oxy]carbonyl}-N-{(2S)-1-hydroxy-3-[(3S)-2-oxopyrrolidin-3-yl]propan-2-yl}-L-leucinamide
3 water water
#
_entity_poly.entity_id   1
_entity_poly.type   'polypeptide(L)'
_entity_poly.pdbx_seq_one_letter_code
;MHHHHHHSGLVKMSHPSGDVEACMVQVTCGSMTLNGLWLDNTVWCPRHVMCPADQLSDPNYDALLISMTNHSFSVQKHIG
APANLRVVGHAMQGTLLKLTVDVANPSTPAYTFTTVKPGAAFSVLACYNGRPTGTFTVVMRPNYTIKGSFLCGSCGSVGY
TKEGSVINFCYMHQMELANGTHTGSAFDGTMYGAFMDKQVHQVQLTDKYCSVNVVAWLYAAILNGCAWFVKPNRTSVVSF
NEWALANQFTEFVGTQSVDMLAVKTGVAIEQLLYAIQQLYTGFQGKQILGSTMLEDEFTPEDVNMQIMGVVMQ
;
_entity_poly.pdbx_strand_id   A,B
#
loop_
_chem_comp.id
_chem_comp.type
_chem_comp.name
_chem_comp.formula
QZD non-polymer N~2~-{[(5-ethyl-1,3-dioxan-5-yl)oxy]carbonyl}-N-{(2S)-1-hydroxy-3-[(3S)-2-oxopyrrolidin-3-yl]propan-2-yl}-L-leucinamide 'C20 H35 N3 O7'
#
# COMPACT_ATOMS: atom_id res chain seq x y z
N HIS A 6 12.60 -8.43 -16.04
CA HIS A 6 11.66 -7.27 -16.24
C HIS A 6 10.59 -7.19 -15.15
N HIS A 7 10.69 -6.13 -14.34
CA HIS A 7 9.73 -5.86 -13.29
C HIS A 7 8.38 -5.55 -13.90
N SER A 8 7.35 -6.28 -13.48
CA SER A 8 6.05 -6.20 -14.15
C SER A 8 5.36 -4.87 -13.89
N GLY A 9 5.62 -4.26 -12.73
CA GLY A 9 4.81 -3.14 -12.28
C GLY A 9 3.53 -3.53 -11.61
N LEU A 10 3.36 -4.79 -11.25
CA LEU A 10 2.19 -5.24 -10.51
C LEU A 10 2.49 -5.10 -9.03
N VAL A 11 1.82 -4.17 -8.35
CA VAL A 11 2.08 -3.90 -6.93
C VAL A 11 0.78 -3.80 -6.16
N LYS A 12 0.89 -3.92 -4.83
CA LYS A 12 -0.24 -3.72 -3.94
C LYS A 12 -0.54 -2.22 -3.90
N MET A 13 -1.63 -1.82 -4.52
CA MET A 13 -1.98 -0.42 -4.64
C MET A 13 -3.28 -0.15 -3.88
N SER A 14 -3.32 0.97 -3.17
CA SER A 14 -4.53 1.37 -2.46
C SER A 14 -5.13 2.60 -3.12
N HIS A 15 -6.40 2.82 -2.84
CA HIS A 15 -7.06 4.05 -3.26
C HIS A 15 -6.49 5.27 -2.51
N PRO A 16 -6.42 6.44 -3.15
CA PRO A 16 -6.12 7.65 -2.37
C PRO A 16 -7.13 7.79 -1.25
N SER A 17 -6.65 8.18 -0.07
CA SER A 17 -7.47 8.06 1.13
C SER A 17 -8.08 9.38 1.60
N GLY A 18 -7.82 10.49 0.90
CA GLY A 18 -8.21 11.80 1.43
C GLY A 18 -9.69 11.92 1.73
N ASP A 19 -10.51 11.42 0.81
CA ASP A 19 -11.95 11.49 1.01
C ASP A 19 -12.35 10.85 2.33
N VAL A 20 -11.75 9.70 2.64
CA VAL A 20 -12.15 8.98 3.83
C VAL A 20 -11.51 9.54 5.09
N GLU A 21 -10.28 10.06 4.96
CA GLU A 21 -9.62 10.70 6.09
C GLU A 21 -10.51 11.78 6.71
N ALA A 22 -11.22 12.52 5.86
CA ALA A 22 -12.05 13.62 6.30
C ALA A 22 -13.26 13.16 7.10
N CYS A 23 -13.55 11.86 7.15
CA CYS A 23 -14.67 11.31 7.90
C CYS A 23 -14.26 10.64 9.21
N MET A 24 -12.98 10.53 9.51
CA MET A 24 -12.56 9.82 10.70
C MET A 24 -12.68 10.73 11.92
N VAL A 25 -13.14 10.13 13.02
CA VAL A 25 -13.26 10.78 14.31
C VAL A 25 -12.86 9.78 15.39
N GLN A 26 -12.73 10.30 16.60
CA GLN A 26 -12.50 9.46 17.77
C GLN A 26 -13.82 9.34 18.53
N VAL A 27 -14.08 8.14 19.04
CA VAL A 27 -15.27 7.90 19.86
C VAL A 27 -14.82 7.37 21.21
N THR A 28 -15.33 7.98 22.27
CA THR A 28 -14.98 7.57 23.62
C THR A 28 -16.24 7.29 24.41
N CYS A 29 -16.21 6.21 25.17
CA CYS A 29 -17.32 5.80 26.01
C CYS A 29 -16.69 5.27 27.28
N GLY A 30 -16.92 5.99 28.38
CA GLY A 30 -16.24 5.74 29.62
C GLY A 30 -14.74 5.71 29.42
N SER A 31 -14.14 4.54 29.63
CA SER A 31 -12.70 4.40 29.62
C SER A 31 -12.16 3.71 28.36
N MET A 32 -13.02 3.43 27.38
CA MET A 32 -12.57 2.84 26.13
C MET A 32 -12.65 3.88 25.02
N THR A 33 -11.77 3.74 24.03
CA THR A 33 -11.66 4.73 22.96
C THR A 33 -11.25 4.05 21.66
N LEU A 34 -11.93 4.41 20.58
CA LEU A 34 -11.60 3.87 19.27
C LEU A 34 -12.05 4.86 18.19
N ASN A 35 -12.07 4.41 16.95
CA ASN A 35 -12.33 5.27 15.81
C ASN A 35 -13.78 5.15 15.37
N GLY A 36 -14.27 6.20 14.69
CA GLY A 36 -15.59 6.17 14.10
C GLY A 36 -15.60 6.86 12.76
N LEU A 37 -16.67 6.58 12.00
CA LEU A 37 -16.82 7.07 10.65
C LEU A 37 -17.99 8.07 10.67
N TRP A 38 -17.71 9.31 10.32
CA TRP A 38 -18.71 10.40 10.41
C TRP A 38 -19.21 10.71 9.02
N LEU A 39 -20.46 10.35 8.75
CA LEU A 39 -21.14 10.55 7.48
C LEU A 39 -22.43 11.32 7.75
N ASP A 40 -22.53 12.55 7.23
CA ASP A 40 -23.76 13.34 7.43
C ASP A 40 -23.88 13.53 8.94
N ASN A 41 -25.00 13.16 9.55
CA ASN A 41 -25.24 13.37 10.96
C ASN A 41 -24.99 12.10 11.76
N THR A 42 -24.36 11.09 11.16
CA THR A 42 -24.21 9.78 11.77
C THR A 42 -22.72 9.48 12.00
N VAL A 43 -22.41 8.93 13.17
CA VAL A 43 -21.07 8.42 13.48
C VAL A 43 -21.23 6.93 13.75
N TRP A 44 -20.52 6.14 12.98
CA TRP A 44 -20.51 4.69 13.08
C TRP A 44 -19.28 4.28 13.85
N CYS A 45 -19.44 3.34 14.79
CA CYS A 45 -18.30 2.77 15.49
C CYS A 45 -18.66 1.39 16.01
N PRO A 46 -17.66 0.57 16.34
CA PRO A 46 -17.94 -0.76 16.91
C PRO A 46 -18.61 -0.65 18.27
N ARG A 47 -19.62 -1.49 18.49
CA ARG A 47 -20.37 -1.45 19.74
C ARG A 47 -19.50 -1.82 20.94
N HIS A 48 -18.40 -2.58 20.75
CA HIS A 48 -17.62 -2.88 21.94
C HIS A 48 -16.92 -1.67 22.55
N VAL A 49 -17.05 -0.46 21.99
CA VAL A 49 -16.60 0.73 22.73
C VAL A 49 -17.35 0.85 24.05
N MET A 50 -18.52 0.20 24.16
CA MET A 50 -19.29 0.27 25.39
C MET A 50 -18.79 -0.67 26.48
N CYS A 51 -17.94 -1.66 26.14
CA CYS A 51 -17.58 -2.72 27.07
CA CYS A 51 -17.56 -2.74 27.07
C CYS A 51 -16.39 -2.31 27.94
N PRO A 52 -16.48 -2.43 29.26
CA PRO A 52 -15.28 -2.22 30.08
C PRO A 52 -14.33 -3.39 29.88
N ALA A 53 -13.04 -3.14 30.14
CA ALA A 53 -12.08 -4.25 30.10
C ALA A 53 -12.50 -5.40 31.01
N ASP A 54 -13.22 -5.10 32.09
CA ASP A 54 -13.73 -6.16 32.95
C ASP A 54 -14.26 -7.33 32.13
N GLN A 55 -15.17 -7.05 31.20
CA GLN A 55 -16.15 -8.03 30.76
C GLN A 55 -16.06 -8.32 29.26
N LEU A 56 -14.87 -8.18 28.66
CA LEU A 56 -14.72 -8.39 27.22
C LEU A 56 -15.02 -9.83 26.77
N SER A 57 -15.07 -10.79 27.68
CA SER A 57 -15.24 -12.18 27.27
C SER A 57 -16.69 -12.51 26.88
N ASP A 58 -17.67 -12.04 27.65
CA ASP A 58 -19.08 -12.28 27.35
C ASP A 58 -19.87 -11.02 27.62
N PRO A 59 -19.68 -9.99 26.80
CA PRO A 59 -20.41 -8.74 27.02
C PRO A 59 -21.88 -8.90 26.71
N ASN A 60 -22.69 -8.21 27.49
CA ASN A 60 -24.13 -8.16 27.29
C ASN A 60 -24.43 -6.83 26.62
N TYR A 61 -24.39 -6.82 25.28
CA TYR A 61 -24.46 -5.57 24.53
C TYR A 61 -25.85 -4.94 24.61
N ASP A 62 -26.87 -5.77 24.77
CA ASP A 62 -28.23 -5.22 24.94
C ASP A 62 -28.32 -4.43 26.24
N ALA A 63 -27.80 -4.98 27.35
CA ALA A 63 -27.86 -4.27 28.63
C ALA A 63 -26.92 -3.09 28.66
N LEU A 64 -25.75 -3.21 28.02
CA LEU A 64 -24.83 -2.09 27.95
C LEU A 64 -25.46 -0.91 27.22
N LEU A 65 -26.09 -1.18 26.09
CA LEU A 65 -26.79 -0.16 25.32
C LEU A 65 -27.85 0.54 26.16
N ILE A 66 -28.69 -0.26 26.84
CA ILE A 66 -29.77 0.28 27.67
C ILE A 66 -29.20 1.15 28.79
N SER A 67 -28.04 0.77 29.32
CA SER A 67 -27.42 1.55 30.39
C SER A 67 -26.81 2.84 29.89
N MET A 68 -26.69 3.04 28.58
CA MET A 68 -26.06 4.24 28.07
C MET A 68 -27.07 5.38 27.94
N THR A 69 -26.54 6.60 27.93
CA THR A 69 -27.26 7.75 27.44
C THR A 69 -26.38 8.49 26.44
N ASN A 70 -27.00 9.43 25.70
CA ASN A 70 -26.27 10.23 24.72
C ASN A 70 -25.01 10.84 25.33
N HIS A 71 -25.08 11.19 26.61
CA HIS A 71 -23.95 11.81 27.30
C HIS A 71 -22.87 10.82 27.66
N SER A 72 -23.17 9.51 27.57
CA SER A 72 -22.15 8.49 27.77
C SER A 72 -21.06 8.54 26.70
N PHE A 73 -21.37 9.08 25.54
CA PHE A 73 -20.50 9.02 24.38
C PHE A 73 -19.83 10.36 24.16
N SER A 74 -18.61 10.31 23.66
CA SER A 74 -17.85 11.52 23.37
C SER A 74 -17.21 11.36 22.00
N VAL A 75 -17.42 12.33 21.10
CA VAL A 75 -16.93 12.24 19.72
C VAL A 75 -16.09 13.46 19.43
N GLN A 76 -14.82 13.25 19.11
CA GLN A 76 -13.91 14.32 18.77
C GLN A 76 -13.38 14.15 17.36
N LYS A 77 -13.42 15.23 16.58
CA LYS A 77 -12.75 15.30 15.29
C LYS A 77 -11.36 15.88 15.51
N HIS A 78 -10.34 15.20 15.00
CA HIS A 78 -8.96 15.70 15.02
C HIS A 78 -8.46 16.00 13.61
N ILE A 79 -8.33 15.00 12.76
CA ILE A 79 -7.92 15.20 11.38
C ILE A 79 -8.79 16.28 10.71
N LEU A 85 -17.87 17.32 18.94
CA LEU A 85 -19.20 16.94 18.42
C LEU A 85 -20.13 16.34 19.48
N ARG A 86 -21.37 16.83 19.58
CA ARG A 86 -22.30 16.37 20.61
C ARG A 86 -23.23 15.28 20.09
N VAL A 87 -23.34 14.19 20.83
CA VAL A 87 -24.23 13.08 20.49
C VAL A 87 -25.64 13.39 21.00
N VAL A 88 -26.64 13.20 20.13
CA VAL A 88 -28.04 13.45 20.49
C VAL A 88 -28.88 12.22 20.16
N GLY A 89 -28.23 11.09 19.91
CA GLY A 89 -28.94 9.89 19.52
C GLY A 89 -27.99 8.71 19.54
N HIS A 90 -28.45 7.55 20.01
CA HIS A 90 -27.63 6.35 20.01
C HIS A 90 -28.53 5.15 19.72
N ALA A 91 -28.05 4.28 18.82
CA ALA A 91 -28.72 3.06 18.43
C ALA A 91 -27.68 2.00 18.07
N MET A 92 -28.07 0.73 18.16
CA MET A 92 -27.21 -0.39 17.82
C MET A 92 -27.75 -1.07 16.58
N GLN A 93 -26.86 -1.32 15.62
CA GLN A 93 -27.19 -2.08 14.41
C GLN A 93 -26.21 -3.25 14.29
N GLY A 94 -26.63 -4.43 14.70
CA GLY A 94 -25.74 -5.57 14.64
C GLY A 94 -24.56 -5.38 15.58
N THR A 95 -23.34 -5.44 15.04
CA THR A 95 -22.14 -5.24 15.82
C THR A 95 -21.64 -3.80 15.79
N LEU A 96 -22.45 -2.86 15.28
CA LEU A 96 -22.06 -1.46 15.20
C LEU A 96 -23.04 -0.60 16.01
N LEU A 97 -22.53 0.51 16.50
CA LEU A 97 -23.38 1.58 17.00
C LEU A 97 -23.57 2.59 15.91
N LYS A 98 -24.74 3.20 15.87
CA LYS A 98 -25.01 4.33 14.98
C LYS A 98 -25.31 5.50 15.91
N LEU A 99 -24.39 6.47 15.96
CA LEU A 99 -24.51 7.62 16.84
C LEU A 99 -24.94 8.82 16.01
N THR A 100 -25.97 9.52 16.47
CA THR A 100 -26.37 10.75 15.80
C THR A 100 -25.72 11.92 16.53
N VAL A 101 -25.07 12.78 15.78
CA VAL A 101 -24.43 13.96 16.31
C VAL A 101 -25.17 15.18 15.77
N ASP A 102 -24.95 16.34 16.42
CA ASP A 102 -25.76 17.52 16.09
C ASP A 102 -25.29 18.20 14.82
N VAL A 103 -24.01 18.09 14.46
CA VAL A 103 -23.43 18.62 13.24
C VAL A 103 -23.36 17.54 12.18
N ALA A 104 -23.73 17.89 10.95
CA ALA A 104 -23.55 17.00 9.81
C ALA A 104 -22.19 17.23 9.17
N ASN A 105 -21.50 16.15 8.84
CA ASN A 105 -20.15 16.23 8.25
C ASN A 105 -20.23 16.94 6.92
N PRO A 106 -19.56 18.09 6.75
CA PRO A 106 -19.72 18.84 5.49
C PRO A 106 -19.02 18.17 4.33
N SER A 107 -17.90 17.50 4.63
CA SER A 107 -17.07 16.80 3.67
C SER A 107 -17.44 15.36 3.51
N THR A 108 -18.71 15.04 3.60
CA THR A 108 -19.20 13.72 3.33
C THR A 108 -19.10 13.41 1.84
N PRO A 109 -18.33 12.40 1.43
CA PRO A 109 -18.30 12.04 0.02
C PRO A 109 -19.57 11.34 -0.38
N ALA A 110 -19.77 11.29 -1.71
CA ALA A 110 -20.73 10.35 -2.28
C ALA A 110 -20.31 8.93 -1.92
N TYR A 111 -21.25 8.16 -1.38
CA TYR A 111 -20.90 6.83 -0.90
C TYR A 111 -22.09 5.89 -1.02
N THR A 112 -21.77 4.62 -0.91
CA THR A 112 -22.70 3.53 -0.73
C THR A 112 -22.09 2.61 0.30
N PHE A 113 -22.89 1.65 0.76
CA PHE A 113 -22.43 0.59 1.61
C PHE A 113 -22.57 -0.70 0.82
N THR A 114 -21.50 -1.49 0.76
CA THR A 114 -21.54 -2.79 0.10
C THR A 114 -20.90 -3.83 1.01
N THR A 115 -21.19 -5.08 0.72
CA THR A 115 -20.57 -6.21 1.39
C THR A 115 -19.66 -6.88 0.38
N VAL A 116 -18.35 -6.91 0.67
CA VAL A 116 -17.41 -7.48 -0.30
C VAL A 116 -17.43 -9.00 -0.18
N LYS A 117 -17.05 -9.65 -1.26
CA LYS A 117 -17.01 -11.10 -1.36
C LYS A 117 -15.57 -11.63 -1.37
N PRO A 118 -15.35 -12.88 -0.96
CA PRO A 118 -14.00 -13.44 -1.02
C PRO A 118 -13.35 -13.25 -2.38
N GLY A 119 -12.07 -12.93 -2.35
CA GLY A 119 -11.32 -12.67 -3.54
C GLY A 119 -11.32 -11.22 -3.97
N ALA A 120 -12.24 -10.41 -3.45
CA ALA A 120 -12.29 -9.00 -3.78
C ALA A 120 -11.30 -8.22 -2.90
N ALA A 121 -10.70 -7.20 -3.49
CA ALA A 121 -9.71 -6.34 -2.85
C ALA A 121 -10.39 -5.08 -2.33
N PHE A 122 -9.93 -4.56 -1.20
CA PHE A 122 -10.38 -3.25 -0.75
C PHE A 122 -9.26 -2.54 0.03
N SER A 123 -9.36 -1.21 0.06
CA SER A 123 -8.41 -0.38 0.79
C SER A 123 -8.83 -0.19 2.24
N VAL A 124 -7.86 -0.12 3.12
CA VAL A 124 -8.10 0.09 4.54
C VAL A 124 -7.35 1.31 4.97
N LEU A 125 -8.05 2.21 5.69
CA LEU A 125 -7.44 3.36 6.34
C LEU A 125 -7.32 3.00 7.81
N ALA A 126 -6.11 2.63 8.23
CA ALA A 126 -5.83 2.32 9.62
C ALA A 126 -5.67 3.59 10.45
N CYS A 127 -6.44 3.68 11.53
CA CYS A 127 -6.50 4.87 12.37
C CYS A 127 -6.33 4.49 13.83
N TYR A 128 -5.72 5.42 14.58
CA TYR A 128 -5.56 5.31 16.04
C TYR A 128 -5.95 6.64 16.66
N ASN A 129 -6.90 6.61 17.60
CA ASN A 129 -7.38 7.81 18.30
C ASN A 129 -8.00 8.82 17.35
N GLY A 130 -8.66 8.34 16.30
CA GLY A 130 -9.21 9.22 15.31
C GLY A 130 -8.23 9.79 14.31
N ARG A 131 -6.95 9.43 14.40
CA ARG A 131 -5.95 9.96 13.47
C ARG A 131 -5.61 8.92 12.42
N PRO A 132 -5.89 9.16 11.14
CA PRO A 132 -5.38 8.24 10.10
C PRO A 132 -3.86 8.12 10.17
N THR A 133 -3.36 6.88 10.19
CA THR A 133 -1.92 6.67 10.29
C THR A 133 -1.33 5.86 9.14
N GLY A 134 -2.13 5.08 8.42
CA GLY A 134 -1.58 4.26 7.36
C GLY A 134 -2.67 3.72 6.49
N THR A 135 -2.29 3.35 5.26
CA THR A 135 -3.23 2.74 4.34
C THR A 135 -2.58 1.57 3.62
N PHE A 136 -3.37 0.52 3.43
CA PHE A 136 -2.92 -0.71 2.77
C PHE A 136 -4.13 -1.38 2.13
N THR A 137 -3.87 -2.30 1.22
CA THR A 137 -4.91 -3.04 0.53
CA THR A 137 -4.92 -3.04 0.53
C THR A 137 -4.91 -4.50 0.98
N VAL A 138 -6.11 -5.05 1.16
CA VAL A 138 -6.31 -6.41 1.63
C VAL A 138 -7.25 -7.11 0.66
N VAL A 139 -7.25 -8.43 0.72
CA VAL A 139 -8.20 -9.27 0.01
C VAL A 139 -9.05 -9.96 1.06
N MET A 140 -10.36 -9.89 0.91
CA MET A 140 -11.22 -10.66 1.79
C MET A 140 -10.98 -12.13 1.47
N ARG A 141 -10.58 -12.91 2.48
CA ARG A 141 -10.17 -14.29 2.20
C ARG A 141 -11.40 -15.19 2.09
N PRO A 142 -11.24 -16.35 1.47
CA PRO A 142 -12.37 -17.31 1.40
C PRO A 142 -12.90 -17.73 2.74
N ASN A 143 -12.14 -17.60 3.83
CA ASN A 143 -12.65 -17.88 5.17
C ASN A 143 -13.12 -16.61 5.89
N TYR A 144 -13.33 -15.54 5.14
CA TYR A 144 -13.94 -14.28 5.62
C TYR A 144 -13.08 -13.58 6.66
N THR A 145 -11.77 -13.66 6.48
CA THR A 145 -10.84 -12.89 7.29
C THR A 145 -9.94 -12.12 6.35
N ILE A 146 -9.20 -11.19 6.93
CA ILE A 146 -8.24 -10.41 6.18
C ILE A 146 -6.94 -10.42 6.95
N LYS A 147 -5.86 -10.14 6.23
CA LYS A 147 -4.54 -10.02 6.82
C LYS A 147 -4.34 -8.57 7.28
N GLY A 148 -3.54 -7.79 6.58
CA GLY A 148 -3.33 -6.40 7.05
C GLY A 148 -2.65 -6.28 8.43
N SER A 149 -2.62 -5.05 8.92
CA SER A 149 -1.86 -4.66 10.11
C SER A 149 -2.77 -3.82 11.00
N PHE A 150 -3.10 -4.33 12.18
CA PHE A 150 -4.05 -3.69 13.08
C PHE A 150 -3.53 -3.91 14.50
N LEU A 151 -3.31 -2.84 15.24
CA LEU A 151 -2.90 -2.97 16.64
C LEU A 151 -4.04 -2.50 17.55
N CYS A 152 -3.78 -2.51 18.85
CA CYS A 152 -4.72 -1.92 19.81
C CYS A 152 -5.03 -0.47 19.45
N GLY A 153 -6.30 -0.10 19.56
CA GLY A 153 -6.73 1.21 19.12
C GLY A 153 -7.19 1.30 17.69
N SER A 154 -6.99 0.25 16.87
CA SER A 154 -7.31 0.29 15.46
C SER A 154 -8.80 0.09 15.15
N CYS A 155 -9.58 -0.33 16.13
CA CYS A 155 -10.97 -0.67 15.86
C CYS A 155 -11.74 0.55 15.41
N GLY A 156 -12.65 0.35 14.46
CA GLY A 156 -13.31 1.47 13.82
C GLY A 156 -12.61 1.97 12.57
N SER A 157 -11.38 1.51 12.31
CA SER A 157 -10.76 1.75 11.01
C SER A 157 -11.65 1.17 9.92
N VAL A 158 -11.66 1.81 8.77
CA VAL A 158 -12.64 1.43 7.77
C VAL A 158 -11.97 0.96 6.50
N GLY A 159 -12.68 0.05 5.81
CA GLY A 159 -12.27 -0.41 4.51
C GLY A 159 -13.28 0.00 3.46
N TYR A 160 -12.79 0.19 2.24
CA TYR A 160 -13.63 0.72 1.17
C TYR A 160 -13.04 0.40 -0.21
N THR A 161 -13.93 0.37 -1.21
CA THR A 161 -13.59 0.43 -2.62
C THR A 161 -14.12 1.72 -3.20
N LYS A 162 -13.83 1.94 -4.49
CA LYS A 162 -14.39 3.04 -5.26
C LYS A 162 -14.90 2.53 -6.60
N GLU A 163 -16.03 3.11 -7.04
CA GLU A 163 -16.48 3.08 -8.43
C GLU A 163 -16.68 4.55 -8.79
N GLY A 164 -15.77 5.10 -9.59
CA GLY A 164 -15.80 6.52 -9.89
C GLY A 164 -15.29 7.34 -8.71
N SER A 165 -15.92 8.50 -8.44
CA SER A 165 -15.67 9.23 -7.22
C SER A 165 -16.52 8.71 -6.04
N VAL A 166 -17.32 7.68 -6.27
CA VAL A 166 -18.17 7.11 -5.22
C VAL A 166 -17.35 6.18 -4.35
N ILE A 167 -17.41 6.38 -3.02
CA ILE A 167 -16.75 5.49 -2.06
C ILE A 167 -17.76 4.43 -1.60
N ASN A 168 -17.39 3.15 -1.69
CA ASN A 168 -18.22 2.06 -1.18
C ASN A 168 -17.58 1.53 0.09
N PHE A 169 -18.17 1.90 1.22
CA PHE A 169 -17.68 1.48 2.52
C PHE A 169 -18.08 0.02 2.72
N CYS A 170 -17.10 -0.82 3.00
CA CYS A 170 -17.38 -2.25 3.12
C CYS A 170 -16.90 -2.90 4.40
N TYR A 171 -16.15 -2.20 5.25
CA TYR A 171 -15.50 -2.87 6.37
C TYR A 171 -15.30 -1.87 7.51
N MET A 172 -15.61 -2.28 8.73
CA MET A 172 -15.20 -1.53 9.92
C MET A 172 -14.51 -2.50 10.86
N HIS A 173 -13.26 -2.22 11.19
CA HIS A 173 -12.44 -3.19 11.89
C HIS A 173 -12.88 -3.46 13.31
N GLN A 174 -12.88 -4.76 13.69
CA GLN A 174 -13.36 -5.18 14.99
C GLN A 174 -12.38 -5.99 15.83
N MET A 175 -11.61 -6.88 15.25
CA MET A 175 -10.89 -7.80 16.12
C MET A 175 -9.77 -8.50 15.37
N GLU A 176 -8.89 -9.10 16.18
CA GLU A 176 -7.81 -9.93 15.70
C GLU A 176 -8.07 -11.35 16.24
N LEU A 177 -7.87 -12.36 15.40
CA LEU A 177 -8.05 -13.75 15.84
C LEU A 177 -6.73 -14.34 16.33
N ALA A 178 -6.84 -15.47 17.03
CA ALA A 178 -5.67 -16.07 17.67
C ALA A 178 -4.50 -16.22 16.69
N ASN A 179 -4.78 -16.55 15.44
CA ASN A 179 -3.76 -16.74 14.43
C ASN A 179 -3.21 -15.42 13.84
N GLY A 180 -3.56 -14.25 14.37
CA GLY A 180 -3.04 -13.01 13.83
C GLY A 180 -3.82 -12.42 12.66
N THR A 181 -4.85 -13.10 12.17
CA THR A 181 -5.65 -12.49 11.12
C THR A 181 -6.76 -11.67 11.77
N HIS A 182 -7.57 -11.03 10.93
CA HIS A 182 -8.43 -9.96 11.41
C HIS A 182 -9.82 -10.10 10.81
N THR A 183 -10.80 -9.55 11.53
CA THR A 183 -12.07 -9.40 10.85
C THR A 183 -12.83 -8.19 11.39
N GLY A 184 -13.93 -7.89 10.71
CA GLY A 184 -14.67 -6.68 10.97
C GLY A 184 -16.11 -6.81 10.51
N SER A 185 -16.81 -5.68 10.54
CA SER A 185 -18.22 -5.60 10.16
C SER A 185 -18.42 -4.97 8.80
N ALA A 186 -19.47 -5.43 8.12
CA ALA A 186 -20.05 -4.63 7.06
C ALA A 186 -20.97 -3.59 7.72
N PHE A 187 -21.31 -2.56 6.97
CA PHE A 187 -22.04 -1.45 7.59
C PHE A 187 -23.54 -1.73 7.80
N ASP A 188 -24.03 -2.90 7.39
CA ASP A 188 -25.31 -3.40 7.86
C ASP A 188 -25.19 -4.09 9.22
N GLY A 189 -24.00 -4.06 9.80
CA GLY A 189 -23.79 -4.54 11.16
C GLY A 189 -23.40 -5.99 11.26
N THR A 190 -23.37 -6.71 10.16
CA THR A 190 -23.01 -8.11 10.24
C THR A 190 -21.49 -8.24 10.20
N MET A 191 -20.98 -9.18 10.96
CA MET A 191 -19.56 -9.48 10.94
C MET A 191 -19.25 -10.38 9.76
N TYR A 192 -18.18 -10.08 9.05
CA TYR A 192 -17.72 -10.99 8.02
C TYR A 192 -17.37 -12.32 8.66
N GLY A 193 -17.83 -13.39 8.02
CA GLY A 193 -17.61 -14.71 8.55
C GLY A 193 -18.36 -15.00 9.81
N ALA A 194 -19.30 -14.13 10.20
CA ALA A 194 -20.19 -14.36 11.35
C ALA A 194 -19.43 -14.56 12.65
N PHE A 195 -18.17 -14.12 12.71
CA PHE A 195 -17.46 -14.11 13.99
C PHE A 195 -18.21 -13.23 14.99
N MET A 196 -18.06 -13.54 16.27
CA MET A 196 -18.69 -12.82 17.36
C MET A 196 -17.73 -11.78 17.92
N ASP A 197 -18.26 -10.59 18.22
CA ASP A 197 -17.44 -9.53 18.81
C ASP A 197 -17.33 -9.75 20.31
N LYS A 198 -16.66 -10.85 20.65
CA LYS A 198 -16.31 -11.22 22.02
C LYS A 198 -14.94 -11.87 22.00
N GLN A 199 -14.23 -11.78 23.11
CA GLN A 199 -12.87 -12.34 23.20
C GLN A 199 -12.92 -13.80 23.63
N VAL A 200 -13.32 -14.64 22.68
CA VAL A 200 -13.40 -16.08 22.90
C VAL A 200 -12.86 -16.77 21.68
N HIS A 201 -12.28 -17.95 21.89
CA HIS A 201 -11.75 -18.70 20.77
C HIS A 201 -12.88 -19.05 19.82
N GLN A 202 -12.63 -18.96 18.53
CA GLN A 202 -13.66 -19.18 17.53
C GLN A 202 -13.00 -19.86 16.34
N VAL A 203 -13.77 -20.71 15.69
CA VAL A 203 -13.21 -21.58 14.67
C VAL A 203 -13.14 -20.81 13.36
N GLN A 204 -11.99 -20.86 12.74
CA GLN A 204 -11.75 -20.20 11.47
C GLN A 204 -11.62 -21.28 10.41
N LEU A 205 -12.39 -21.16 9.33
CA LEU A 205 -12.25 -22.13 8.24
C LEU A 205 -10.85 -22.00 7.61
N THR A 206 -10.42 -23.06 6.93
CA THR A 206 -9.12 -22.99 6.29
C THR A 206 -9.19 -22.09 5.06
N ASP A 207 -8.06 -21.46 4.76
CA ASP A 207 -8.00 -20.57 3.64
C ASP A 207 -7.86 -21.38 2.34
N LYS A 208 -8.14 -20.72 1.23
CA LYS A 208 -8.08 -21.33 -0.10
C LYS A 208 -7.47 -20.35 -1.07
N TYR A 209 -6.88 -20.86 -2.14
CA TYR A 209 -6.49 -19.99 -3.23
C TYR A 209 -7.73 -19.46 -3.91
N CYS A 210 -7.76 -18.14 -4.18
CA CYS A 210 -8.80 -17.51 -4.98
C CYS A 210 -8.48 -17.70 -6.46
N SER A 211 -9.14 -18.69 -7.04
CA SER A 211 -8.81 -19.15 -8.38
C SER A 211 -8.77 -18.02 -9.39
N VAL A 212 -9.80 -17.15 -9.38
CA VAL A 212 -9.89 -16.10 -10.40
C VAL A 212 -8.71 -15.14 -10.29
N ASN A 213 -8.18 -14.92 -9.09
CA ASN A 213 -7.04 -14.02 -8.94
C ASN A 213 -5.75 -14.70 -9.38
N VAL A 214 -5.61 -16.02 -9.14
CA VAL A 214 -4.47 -16.76 -9.68
C VAL A 214 -4.44 -16.66 -11.20
N VAL A 215 -5.61 -16.80 -11.85
CA VAL A 215 -5.70 -16.63 -13.29
C VAL A 215 -5.15 -15.26 -13.68
N ALA A 216 -5.67 -14.21 -13.05
CA ALA A 216 -5.25 -12.87 -13.40
C ALA A 216 -3.75 -12.70 -13.20
N TRP A 217 -3.20 -13.36 -12.19
CA TRP A 217 -1.76 -13.29 -11.96
C TRP A 217 -0.99 -13.97 -13.10
N LEU A 218 -1.47 -15.12 -13.59
CA LEU A 218 -0.82 -15.77 -14.72
C LEU A 218 -0.96 -14.92 -15.98
N TYR A 219 -2.09 -14.24 -16.15
CA TYR A 219 -2.22 -13.32 -17.29
C TYR A 219 -1.24 -12.17 -17.18
N ALA A 220 -1.01 -11.69 -15.97
CA ALA A 220 0.00 -10.66 -15.78
C ALA A 220 1.38 -11.19 -16.14
N ALA A 221 1.68 -12.43 -15.75
CA ALA A 221 2.95 -13.02 -16.16
C ALA A 221 3.07 -13.06 -17.69
N ILE A 222 2.02 -13.51 -18.37
CA ILE A 222 2.03 -13.57 -19.82
C ILE A 222 2.26 -12.18 -20.42
N LEU A 223 1.48 -11.19 -19.98
CA LEU A 223 1.69 -9.82 -20.44
C LEU A 223 3.12 -9.34 -20.21
N ASN A 224 3.76 -9.83 -19.15
CA ASN A 224 5.12 -9.47 -18.82
C ASN A 224 6.16 -10.35 -19.53
N GLY A 225 5.72 -11.25 -20.41
CA GLY A 225 6.66 -12.05 -21.16
C GLY A 225 7.11 -13.32 -20.47
N CYS A 226 6.36 -13.78 -19.49
CA CYS A 226 6.64 -15.02 -18.77
C CYS A 226 5.46 -15.93 -19.08
N ALA A 227 5.64 -16.80 -20.09
CA ALA A 227 4.57 -17.69 -20.53
C ALA A 227 5.04 -19.14 -20.64
N TRP A 228 6.10 -19.51 -19.92
CA TRP A 228 6.62 -20.88 -19.99
C TRP A 228 5.58 -21.91 -19.58
N PHE A 229 4.71 -21.56 -18.63
CA PHE A 229 3.67 -22.47 -18.16
C PHE A 229 2.52 -22.63 -19.16
N VAL A 230 2.51 -21.89 -20.26
CA VAL A 230 1.37 -21.91 -21.18
C VAL A 230 1.47 -23.11 -22.10
N LYS A 231 0.38 -23.83 -22.25
CA LYS A 231 0.29 -25.00 -23.12
C LYS A 231 -1.08 -24.93 -23.77
N PRO A 232 -1.26 -25.62 -24.90
CA PRO A 232 -2.61 -25.70 -25.49
C PRO A 232 -3.51 -26.69 -24.77
N ASN A 233 -2.93 -27.55 -23.93
CA ASN A 233 -3.68 -28.28 -22.91
C ASN A 233 -4.69 -27.34 -22.24
N ARG A 234 -5.91 -27.83 -22.07
CA ARG A 234 -6.99 -27.05 -21.49
C ARG A 234 -7.67 -27.86 -20.41
N THR A 235 -8.31 -27.14 -19.49
CA THR A 235 -9.23 -27.72 -18.52
C THR A 235 -10.47 -26.84 -18.53
N SER A 236 -11.63 -27.44 -18.75
CA SER A 236 -12.89 -26.71 -18.69
C SER A 236 -13.11 -26.19 -17.28
N VAL A 237 -13.84 -25.08 -17.20
CA VAL A 237 -14.24 -24.51 -15.91
C VAL A 237 -14.88 -25.57 -15.01
N VAL A 238 -15.72 -26.41 -15.59
CA VAL A 238 -16.50 -27.37 -14.78
C VAL A 238 -15.59 -28.42 -14.19
N SER A 239 -14.69 -28.97 -15.00
CA SER A 239 -13.74 -29.94 -14.45
C SER A 239 -12.82 -29.26 -13.43
N PHE A 240 -12.34 -28.05 -13.75
CA PHE A 240 -11.52 -27.30 -12.80
C PHE A 240 -12.26 -27.13 -11.48
N ASN A 241 -13.51 -26.66 -11.53
CA ASN A 241 -14.28 -26.45 -10.31
C ASN A 241 -14.38 -27.72 -9.50
N GLU A 242 -14.67 -28.84 -10.15
CA GLU A 242 -14.65 -30.14 -9.47
C GLU A 242 -13.29 -30.40 -8.82
N TRP A 243 -12.21 -30.21 -9.57
CA TRP A 243 -10.88 -30.44 -9.02
C TRP A 243 -10.61 -29.51 -7.83
N ALA A 244 -11.12 -28.29 -7.88
CA ALA A 244 -10.76 -27.27 -6.90
C ALA A 244 -11.26 -27.61 -5.50
N LEU A 245 -12.43 -28.27 -5.41
CA LEU A 245 -12.99 -28.64 -4.12
C LEU A 245 -12.05 -29.53 -3.31
N ALA A 246 -11.39 -30.47 -3.97
CA ALA A 246 -10.52 -31.42 -3.28
C ALA A 246 -9.11 -30.90 -3.06
N ASN A 247 -8.81 -29.68 -3.52
CA ASN A 247 -7.45 -29.17 -3.49
C ASN A 247 -7.35 -27.75 -2.95
N GLN A 248 -8.36 -27.29 -2.20
CA GLN A 248 -8.29 -26.02 -1.49
C GLN A 248 -8.18 -24.83 -2.45
N PHE A 249 -9.05 -24.83 -3.47
CA PHE A 249 -9.19 -23.73 -4.42
C PHE A 249 -10.65 -23.29 -4.46
N THR A 250 -10.88 -22.01 -4.72
CA THR A 250 -12.23 -21.49 -4.90
C THR A 250 -12.75 -21.81 -6.29
N GLU A 251 -14.08 -21.75 -6.41
CA GLU A 251 -14.74 -21.83 -7.70
C GLU A 251 -14.27 -20.70 -8.60
N PHE A 252 -13.87 -21.04 -9.83
CA PHE A 252 -13.63 -20.01 -10.83
C PHE A 252 -14.94 -19.57 -11.43
N VAL A 253 -15.08 -18.25 -11.53
CA VAL A 253 -16.22 -17.60 -12.16
C VAL A 253 -15.63 -16.57 -13.10
N GLY A 254 -15.73 -16.81 -14.40
CA GLY A 254 -15.29 -15.83 -15.37
C GLY A 254 -15.97 -14.50 -15.19
N THR A 255 -15.35 -13.46 -15.75
CA THR A 255 -15.88 -12.10 -15.71
C THR A 255 -15.42 -11.36 -16.95
N GLN A 256 -16.09 -10.24 -17.22
CA GLN A 256 -15.64 -9.39 -18.31
C GLN A 256 -14.17 -9.04 -18.14
N SER A 257 -13.77 -8.77 -16.90
CA SER A 257 -12.42 -8.30 -16.63
C SER A 257 -11.39 -9.38 -16.96
N VAL A 258 -11.67 -10.63 -16.61
CA VAL A 258 -10.79 -11.73 -17.03
C VAL A 258 -10.72 -11.79 -18.55
N ASP A 259 -11.89 -11.71 -19.20
CA ASP A 259 -11.96 -11.89 -20.64
C ASP A 259 -11.07 -10.90 -21.36
N MET A 260 -11.13 -9.62 -20.97
CA MET A 260 -10.20 -8.63 -21.50
C MET A 260 -8.78 -9.15 -21.50
N LEU A 261 -8.36 -9.73 -20.38
CA LEU A 261 -6.99 -10.25 -20.28
C LEU A 261 -6.74 -11.40 -21.27
N ALA A 262 -7.74 -12.24 -21.52
CA ALA A 262 -7.54 -13.30 -22.50
C ALA A 262 -7.46 -12.75 -23.91
N VAL A 263 -8.07 -11.60 -24.16
CA VAL A 263 -7.96 -10.98 -25.47
C VAL A 263 -6.62 -10.29 -25.63
N LYS A 264 -6.20 -9.50 -24.65
CA LYS A 264 -4.89 -8.85 -24.71
C LYS A 264 -3.78 -9.85 -24.98
N THR A 265 -3.82 -11.02 -24.34
CA THR A 265 -2.75 -12.00 -24.48
C THR A 265 -3.06 -13.06 -25.52
N GLY A 266 -4.32 -13.22 -25.91
CA GLY A 266 -4.71 -14.32 -26.76
C GLY A 266 -4.51 -15.68 -26.17
N VAL A 267 -4.43 -15.79 -24.83
CA VAL A 267 -4.36 -17.07 -24.12
C VAL A 267 -5.69 -17.34 -23.46
N ALA A 268 -6.25 -18.52 -23.67
CA ALA A 268 -7.60 -18.79 -23.18
C ALA A 268 -7.58 -19.12 -21.70
N ILE A 269 -8.72 -18.82 -21.07
CA ILE A 269 -8.90 -19.13 -19.66
C ILE A 269 -8.54 -20.60 -19.38
N GLU A 270 -9.08 -21.50 -20.21
CA GLU A 270 -8.93 -22.93 -19.90
C GLU A 270 -7.48 -23.39 -20.00
N GLN A 271 -6.64 -22.70 -20.78
CA GLN A 271 -5.22 -23.02 -20.75
C GLN A 271 -4.61 -22.71 -19.38
N LEU A 272 -5.03 -21.60 -18.76
CA LEU A 272 -4.50 -21.23 -17.46
C LEU A 272 -5.06 -22.12 -16.35
N LEU A 273 -6.35 -22.48 -16.43
CA LEU A 273 -6.90 -23.46 -15.49
C LEU A 273 -6.09 -24.76 -15.52
N TYR A 274 -5.86 -25.28 -16.71
CA TYR A 274 -4.99 -26.43 -16.83
C TYR A 274 -3.65 -26.13 -16.16
N ALA A 275 -3.09 -24.95 -16.44
CA ALA A 275 -1.78 -24.60 -15.89
C ALA A 275 -1.80 -24.56 -14.37
N ILE A 276 -2.89 -24.07 -13.78
CA ILE A 276 -2.97 -23.99 -12.32
C ILE A 276 -2.82 -25.39 -11.71
N GLN A 277 -3.58 -26.35 -12.24
CA GLN A 277 -3.49 -27.72 -11.74
C GLN A 277 -2.05 -28.25 -11.72
N GLN A 278 -1.26 -27.91 -12.73
CA GLN A 278 0.11 -28.42 -12.77
C GLN A 278 1.04 -27.65 -11.83
N LEU A 279 0.86 -26.31 -11.76
CA LEU A 279 1.75 -25.50 -10.93
C LEU A 279 1.51 -25.75 -9.45
N TYR A 280 0.28 -26.12 -9.08
CA TYR A 280 -0.02 -26.46 -7.70
C TYR A 280 0.83 -27.64 -7.21
N THR A 281 1.18 -28.56 -8.12
CA THR A 281 2.08 -29.64 -7.75
C THR A 281 3.54 -29.19 -7.73
N GLY A 282 3.85 -28.05 -8.30
CA GLY A 282 5.17 -27.45 -8.21
C GLY A 282 5.51 -26.69 -9.48
N PHE A 283 6.35 -25.66 -9.32
CA PHE A 283 6.89 -24.90 -10.46
C PHE A 283 8.06 -25.59 -11.13
N GLN A 284 8.60 -26.64 -10.52
CA GLN A 284 9.61 -27.50 -11.14
C GLN A 284 10.84 -26.71 -11.53
N GLY A 285 11.39 -25.98 -10.56
CA GLY A 285 12.63 -25.26 -10.73
C GLY A 285 12.47 -23.87 -11.30
N LYS A 286 11.35 -23.58 -11.94
CA LYS A 286 11.14 -22.29 -12.60
C LYS A 286 10.39 -21.33 -11.68
N GLN A 287 10.46 -20.05 -12.03
CA GLN A 287 9.76 -18.98 -11.33
C GLN A 287 8.72 -18.34 -12.22
N ILE A 288 7.72 -17.73 -11.58
CA ILE A 288 6.72 -16.92 -12.25
C ILE A 288 6.69 -15.59 -11.54
N LEU A 289 7.05 -14.52 -12.25
CA LEU A 289 7.05 -13.19 -11.67
C LEU A 289 7.78 -13.21 -10.33
N GLY A 290 8.97 -13.78 -10.35
CA GLY A 290 9.82 -13.82 -9.17
C GLY A 290 9.36 -14.71 -8.03
N SER A 291 8.32 -15.53 -8.21
CA SER A 291 7.71 -16.34 -7.17
C SER A 291 7.78 -17.82 -7.52
N THR A 292 7.89 -18.69 -6.51
CA THR A 292 7.79 -20.14 -6.71
C THR A 292 6.47 -20.71 -6.22
N MET A 293 5.57 -19.87 -5.73
CA MET A 293 4.23 -20.28 -5.33
C MET A 293 3.19 -19.45 -6.10
N LEU A 294 1.99 -20.00 -6.23
CA LEU A 294 0.88 -19.26 -6.82
C LEU A 294 0.55 -18.04 -5.96
N GLU A 295 0.17 -16.94 -6.62
CA GLU A 295 -0.21 -15.69 -5.97
C GLU A 295 -1.68 -15.44 -6.27
N ASP A 296 -2.47 -15.19 -5.23
CA ASP A 296 -3.90 -14.98 -5.45
C ASP A 296 -4.46 -13.69 -4.86
N GLU A 297 -3.64 -12.68 -4.60
CA GLU A 297 -4.16 -11.43 -4.05
C GLU A 297 -4.09 -10.27 -5.05
N PHE A 298 -3.89 -10.58 -6.33
CA PHE A 298 -4.03 -9.61 -7.41
C PHE A 298 -5.23 -9.99 -8.26
N THR A 299 -6.15 -9.05 -8.43
CA THR A 299 -7.43 -9.28 -9.07
C THR A 299 -7.35 -9.00 -10.55
N PRO A 300 -8.36 -9.44 -11.29
CA PRO A 300 -8.41 -9.09 -12.73
C PRO A 300 -8.39 -7.60 -12.97
N GLU A 301 -9.06 -6.85 -12.10
CA GLU A 301 -9.08 -5.40 -12.25
C GLU A 301 -7.72 -4.79 -11.96
N ASP A 302 -7.00 -5.29 -10.95
CA ASP A 302 -5.62 -4.85 -10.71
C ASP A 302 -4.78 -4.96 -11.98
N VAL A 303 -4.80 -6.14 -12.60
CA VAL A 303 -3.92 -6.42 -13.73
C VAL A 303 -4.31 -5.55 -14.91
N ASN A 304 -5.61 -5.48 -15.22
CA ASN A 304 -6.07 -4.62 -16.29
C ASN A 304 -5.62 -3.19 -16.11
N MET A 305 -5.65 -2.70 -14.86
CA MET A 305 -5.36 -1.29 -14.59
C MET A 305 -3.86 -1.02 -14.54
N GLN A 306 -3.07 -1.98 -14.05
CA GLN A 306 -1.67 -1.72 -13.81
C GLN A 306 -0.77 -2.14 -14.97
N ILE A 307 -1.18 -3.13 -15.75
CA ILE A 307 -0.50 -3.41 -17.01
C ILE A 307 -1.30 -2.83 -18.17
N HIS B 6 1.49 -18.20 12.25
CA HIS B 6 0.90 -16.94 12.83
C HIS B 6 1.20 -15.76 11.90
N HIS B 7 0.15 -15.00 11.55
CA HIS B 7 0.27 -13.86 10.66
C HIS B 7 0.92 -12.72 11.43
N SER B 8 2.07 -12.24 10.93
CA SER B 8 2.81 -11.19 11.64
C SER B 8 2.07 -9.86 11.63
N GLY B 9 1.31 -9.57 10.58
CA GLY B 9 0.79 -8.23 10.40
C GLY B 9 1.75 -7.28 9.73
N LEU B 10 2.84 -7.78 9.16
CA LEU B 10 3.84 -6.94 8.52
C LEU B 10 3.45 -6.77 7.07
N VAL B 11 2.95 -5.59 6.71
CA VAL B 11 2.42 -5.40 5.36
C VAL B 11 3.01 -4.11 4.77
N LYS B 12 2.91 -4.01 3.45
CA LYS B 12 3.26 -2.78 2.76
C LYS B 12 2.22 -1.74 3.13
N MET B 13 2.63 -0.71 3.84
CA MET B 13 1.73 0.34 4.32
C MET B 13 2.22 1.69 3.80
N SER B 14 1.29 2.48 3.27
CA SER B 14 1.57 3.81 2.77
C SER B 14 1.05 4.85 3.78
N HIS B 15 1.59 6.07 3.69
CA HIS B 15 1.02 7.19 4.44
C HIS B 15 -0.34 7.53 3.87
N PRO B 16 -1.27 8.00 4.70
CA PRO B 16 -2.53 8.56 4.18
C PRO B 16 -2.22 9.71 3.23
N SER B 17 -2.86 9.72 2.07
CA SER B 17 -2.47 10.59 0.96
C SER B 17 -3.23 11.91 0.89
N GLY B 18 -4.15 12.19 1.81
CA GLY B 18 -5.02 13.34 1.63
C GLY B 18 -4.27 14.66 1.56
N ASP B 19 -3.24 14.83 2.40
CA ASP B 19 -2.45 16.06 2.38
C ASP B 19 -1.85 16.30 1.01
N VAL B 20 -1.39 15.23 0.35
CA VAL B 20 -0.73 15.41 -0.95
C VAL B 20 -1.73 15.50 -2.09
N GLU B 21 -2.87 14.83 -1.97
CA GLU B 21 -3.91 14.88 -2.98
C GLU B 21 -4.28 16.32 -3.29
N ALA B 22 -4.35 17.16 -2.24
CA ALA B 22 -4.79 18.55 -2.39
C ALA B 22 -3.74 19.45 -3.01
N CYS B 23 -2.54 18.92 -3.28
CA CYS B 23 -1.49 19.69 -3.93
C CYS B 23 -1.30 19.32 -5.40
N MET B 24 -2.00 18.28 -5.89
CA MET B 24 -1.75 17.80 -7.25
C MET B 24 -2.50 18.68 -8.26
N VAL B 25 -1.78 19.08 -9.31
CA VAL B 25 -2.35 19.81 -10.43
C VAL B 25 -1.90 19.16 -11.74
N GLN B 26 -2.51 19.60 -12.82
CA GLN B 26 -2.06 19.26 -14.16
C GLN B 26 -1.30 20.42 -14.80
N VAL B 27 -0.17 20.12 -15.44
CA VAL B 27 0.65 21.10 -16.13
C VAL B 27 0.71 20.72 -17.60
N THR B 28 0.51 21.70 -18.48
CA THR B 28 0.55 21.48 -19.91
C THR B 28 1.43 22.52 -20.56
N CYS B 29 2.28 22.07 -21.49
CA CYS B 29 3.19 22.92 -22.26
C CYS B 29 3.18 22.39 -23.69
N GLY B 30 2.53 23.12 -24.59
CA GLY B 30 2.39 22.66 -25.97
C GLY B 30 1.48 21.47 -26.06
N SER B 31 2.05 20.33 -26.49
CA SER B 31 1.31 19.07 -26.57
C SER B 31 1.47 18.20 -25.33
N MET B 32 2.53 18.39 -24.57
CA MET B 32 2.83 17.51 -23.44
C MET B 32 2.00 17.90 -22.23
N THR B 33 1.40 16.90 -21.58
CA THR B 33 0.65 17.10 -20.34
C THR B 33 1.17 16.15 -19.27
N LEU B 34 1.30 16.63 -18.04
CA LEU B 34 1.72 15.77 -16.93
C LEU B 34 1.30 16.42 -15.62
N ASN B 35 1.75 15.85 -14.51
CA ASN B 35 1.32 16.25 -13.18
C ASN B 35 2.32 17.22 -12.57
N GLY B 36 1.80 18.04 -11.67
CA GLY B 36 2.62 18.98 -10.93
C GLY B 36 2.21 19.02 -9.47
N LEU B 37 3.11 19.56 -8.67
CA LEU B 37 2.91 19.72 -7.24
C LEU B 37 2.86 21.20 -6.90
N TRP B 38 1.75 21.61 -6.32
CA TRP B 38 1.43 23.01 -6.01
C TRP B 38 1.61 23.19 -4.52
N LEU B 39 2.67 23.89 -4.13
CA LEU B 39 2.96 24.21 -2.75
C LEU B 39 3.05 25.73 -2.67
N ASP B 40 2.18 26.35 -1.85
CA ASP B 40 2.15 27.84 -1.68
C ASP B 40 2.07 28.42 -3.09
N ASN B 41 2.96 29.33 -3.50
CA ASN B 41 2.86 29.96 -4.82
C ASN B 41 3.74 29.25 -5.86
N THR B 42 4.14 28.02 -5.61
CA THR B 42 5.03 27.33 -6.52
C THR B 42 4.35 26.09 -7.05
N VAL B 43 4.59 25.79 -8.33
CA VAL B 43 4.22 24.50 -8.91
C VAL B 43 5.49 23.86 -9.47
N TRP B 44 5.76 22.64 -9.01
CA TRP B 44 6.90 21.83 -9.44
C TRP B 44 6.45 20.83 -10.49
N CYS B 45 7.22 20.70 -11.58
CA CYS B 45 6.94 19.62 -12.51
C CYS B 45 8.19 19.24 -13.25
N PRO B 46 8.22 18.05 -13.88
CA PRO B 46 9.39 17.65 -14.66
C PRO B 46 9.56 18.57 -15.85
N ARG B 47 10.81 18.92 -16.13
CA ARG B 47 11.09 19.89 -17.18
C ARG B 47 10.86 19.29 -18.56
N HIS B 48 10.75 17.95 -18.70
CA HIS B 48 10.52 17.44 -20.05
C HIS B 48 9.10 17.71 -20.52
N VAL B 49 8.25 18.30 -19.69
CA VAL B 49 6.99 18.83 -20.18
C VAL B 49 7.25 19.83 -21.32
N MET B 50 8.42 20.51 -21.32
CA MET B 50 8.75 21.50 -22.34
C MET B 50 9.06 20.91 -23.69
N CYS B 51 9.28 19.66 -23.76
CA CYS B 51 9.90 19.01 -24.90
C CYS B 51 8.81 18.38 -25.75
N PRO B 52 8.74 18.66 -27.05
CA PRO B 52 7.81 17.91 -27.90
C PRO B 52 8.33 16.50 -28.18
N ALA B 53 7.40 15.59 -28.49
CA ALA B 53 7.75 14.18 -28.64
C ALA B 53 8.89 13.96 -29.62
N ASP B 54 8.98 14.82 -30.65
CA ASP B 54 10.04 14.71 -31.65
C ASP B 54 11.43 14.79 -31.02
N GLN B 55 11.67 15.79 -30.17
CA GLN B 55 13.00 16.11 -29.69
C GLN B 55 13.36 15.43 -28.37
N LEU B 56 12.52 14.50 -27.89
CA LEU B 56 12.70 13.90 -26.56
C LEU B 56 13.98 13.08 -26.42
N SER B 57 14.68 12.80 -27.52
CA SER B 57 15.80 11.88 -27.45
C SER B 57 17.13 12.59 -27.23
N ASP B 58 17.21 13.88 -27.54
CA ASP B 58 18.25 14.75 -27.00
C ASP B 58 17.65 16.15 -26.94
N PRO B 59 16.93 16.47 -25.86
CA PRO B 59 16.38 17.81 -25.72
C PRO B 59 17.44 18.81 -25.32
N ASN B 60 17.29 20.04 -25.82
CA ASN B 60 18.13 21.13 -25.33
C ASN B 60 17.27 21.95 -24.39
N TYR B 61 17.36 21.59 -23.09
CA TYR B 61 16.50 22.20 -22.09
C TYR B 61 16.82 23.69 -21.88
N ASP B 62 18.09 24.08 -21.94
CA ASP B 62 18.43 25.48 -21.67
C ASP B 62 17.77 26.41 -22.68
N ALA B 63 17.69 25.94 -23.93
CA ALA B 63 17.12 26.71 -25.02
C ALA B 63 15.60 26.63 -24.99
N LEU B 64 15.06 25.47 -24.62
CA LEU B 64 13.62 25.33 -24.47
C LEU B 64 13.11 26.29 -23.40
N LEU B 65 13.80 26.35 -22.26
CA LEU B 65 13.39 27.28 -21.20
C LEU B 65 13.35 28.71 -21.73
N ILE B 66 14.40 29.13 -22.43
CA ILE B 66 14.49 30.51 -22.91
C ILE B 66 13.36 30.84 -23.89
N SER B 67 12.93 29.86 -24.68
CA SER B 67 11.86 30.04 -25.67
C SER B 67 10.48 30.16 -25.04
N MET B 68 10.34 29.90 -23.74
CA MET B 68 9.04 29.94 -23.11
C MET B 68 8.77 31.33 -22.58
N THR B 69 7.48 31.65 -22.50
CA THR B 69 6.97 32.72 -21.67
C THR B 69 6.14 32.12 -20.56
N ASN B 70 5.67 32.97 -19.67
CA ASN B 70 4.74 32.54 -18.64
C ASN B 70 3.49 31.91 -19.23
N HIS B 71 3.00 32.39 -20.38
CA HIS B 71 1.80 31.80 -20.97
C HIS B 71 2.05 30.46 -21.62
N SER B 72 3.31 30.03 -21.75
CA SER B 72 3.56 28.74 -22.33
C SER B 72 3.17 27.60 -21.38
N PHE B 73 2.88 27.89 -20.12
CA PHE B 73 2.53 26.85 -19.14
C PHE B 73 1.08 27.03 -18.68
N SER B 74 0.26 26.01 -18.88
CA SER B 74 -1.09 25.97 -18.32
C SER B 74 -1.15 25.03 -17.13
N VAL B 75 -1.63 25.55 -16.01
CA VAL B 75 -1.78 24.77 -14.79
C VAL B 75 -3.26 24.72 -14.45
N GLN B 76 -3.79 23.53 -14.33
CA GLN B 76 -5.18 23.29 -14.02
C GLN B 76 -5.27 22.45 -12.76
N LYS B 77 -6.16 22.83 -11.86
CA LYS B 77 -6.52 21.98 -10.73
C LYS B 77 -7.81 21.26 -11.06
N HIS B 78 -7.88 19.97 -10.71
CA HIS B 78 -9.05 19.14 -10.97
C HIS B 78 -9.62 18.46 -9.73
N ILE B 79 -8.97 18.56 -8.59
CA ILE B 79 -9.20 17.64 -7.49
C ILE B 79 -9.43 18.44 -6.21
N LEU B 85 -5.30 28.43 -12.79
CA LEU B 85 -4.15 29.09 -12.15
C LEU B 85 -3.27 29.83 -13.15
N ARG B 86 -2.86 31.06 -12.83
CA ARG B 86 -2.02 31.85 -13.72
C ARG B 86 -0.56 31.74 -13.31
N VAL B 87 0.27 31.33 -14.26
CA VAL B 87 1.72 31.30 -14.11
C VAL B 87 2.28 32.71 -14.26
N VAL B 88 2.99 33.19 -13.24
CA VAL B 88 3.58 34.53 -13.23
C VAL B 88 5.09 34.49 -13.12
N GLY B 89 5.70 33.30 -13.09
CA GLY B 89 7.14 33.15 -13.21
C GLY B 89 7.44 31.71 -13.57
N HIS B 90 8.62 31.50 -14.16
CA HIS B 90 9.09 30.18 -14.58
C HIS B 90 10.62 30.13 -14.45
N ALA B 91 11.10 29.04 -13.86
CA ALA B 91 12.53 28.85 -13.69
C ALA B 91 12.81 27.35 -13.73
N MET B 92 14.04 27.01 -14.04
CA MET B 92 14.46 25.62 -14.11
C MET B 92 15.47 25.37 -12.99
N GLN B 93 15.32 24.23 -12.32
CA GLN B 93 16.18 23.82 -11.22
C GLN B 93 16.52 22.35 -11.43
N GLY B 94 17.67 22.09 -12.05
CA GLY B 94 18.06 20.73 -12.41
C GLY B 94 17.07 20.17 -13.42
N THR B 95 16.42 19.05 -13.07
CA THR B 95 15.50 18.40 -13.97
C THR B 95 14.07 18.77 -13.69
N LEU B 96 13.81 19.80 -12.88
CA LEU B 96 12.47 20.24 -12.56
C LEU B 96 12.25 21.67 -13.02
N LEU B 97 11.01 21.98 -13.36
CA LEU B 97 10.55 23.36 -13.47
C LEU B 97 9.96 23.81 -12.16
N LYS B 98 10.27 25.04 -11.80
CA LYS B 98 9.66 25.70 -10.64
C LYS B 98 8.85 26.86 -11.22
N LEU B 99 7.53 26.70 -11.28
CA LEU B 99 6.63 27.73 -11.78
C LEU B 99 6.05 28.51 -10.61
N THR B 100 5.98 29.82 -10.75
CA THR B 100 5.34 30.66 -9.76
C THR B 100 3.94 30.98 -10.26
N VAL B 101 2.94 30.75 -9.43
CA VAL B 101 1.55 31.01 -9.78
C VAL B 101 1.02 32.10 -8.87
N ASP B 102 -0.13 32.68 -9.22
CA ASP B 102 -0.61 33.87 -8.52
C ASP B 102 -1.59 33.57 -7.41
N VAL B 103 -1.79 32.30 -7.07
CA VAL B 103 -2.61 31.88 -5.95
C VAL B 103 -1.79 30.93 -5.10
N ALA B 104 -1.75 31.21 -3.79
CA ALA B 104 -1.10 30.32 -2.83
C ALA B 104 -2.00 29.13 -2.56
N ASN B 105 -1.46 27.89 -2.60
CA ASN B 105 -2.32 26.73 -2.41
C ASN B 105 -2.91 26.77 -1.00
N PRO B 106 -4.23 26.95 -0.86
CA PRO B 106 -4.81 27.10 0.48
C PRO B 106 -4.75 25.84 1.32
N SER B 107 -4.33 24.72 0.75
CA SER B 107 -4.19 23.48 1.50
C SER B 107 -2.75 22.96 1.48
N THR B 108 -1.77 23.86 1.55
CA THR B 108 -0.38 23.42 1.56
C THR B 108 -0.03 22.78 2.89
N PRO B 109 0.52 21.58 2.92
CA PRO B 109 0.98 21.00 4.19
C PRO B 109 2.27 21.62 4.63
N ALA B 110 2.55 21.53 5.93
CA ALA B 110 3.92 21.71 6.40
C ALA B 110 4.82 20.71 5.68
N TYR B 111 5.94 21.17 5.15
CA TYR B 111 6.71 20.29 4.27
C TYR B 111 8.19 20.67 4.30
N THR B 112 9.00 19.69 3.90
CA THR B 112 10.42 19.82 3.68
C THR B 112 10.75 19.12 2.38
N PHE B 113 11.95 19.38 1.88
CA PHE B 113 12.52 18.74 0.69
C PHE B 113 13.80 18.05 1.11
N THR B 114 13.75 16.75 1.40
CA THR B 114 14.96 16.01 1.77
C THR B 114 15.12 14.83 0.84
N THR B 115 16.31 14.67 0.30
CA THR B 115 16.61 13.55 -0.58
C THR B 115 16.66 12.29 0.26
N VAL B 116 16.14 11.19 -0.26
CA VAL B 116 16.17 9.95 0.52
C VAL B 116 17.37 9.13 0.07
N LYS B 117 17.78 8.22 0.93
CA LYS B 117 18.92 7.38 0.64
C LYS B 117 18.47 5.96 0.38
N PRO B 118 19.32 5.16 -0.24
CA PRO B 118 18.96 3.76 -0.54
C PRO B 118 18.59 3.01 0.73
N GLY B 119 17.58 2.15 0.60
CA GLY B 119 17.00 1.40 1.70
C GLY B 119 15.83 2.08 2.38
N ALA B 120 15.66 3.38 2.17
CA ALA B 120 14.56 4.09 2.80
C ALA B 120 13.29 3.89 1.97
N ALA B 121 12.18 3.83 2.67
CA ALA B 121 10.87 3.62 2.10
C ALA B 121 10.12 4.96 2.01
N PHE B 122 9.28 5.10 0.99
CA PHE B 122 8.42 6.28 0.89
C PHE B 122 7.15 5.91 0.14
N SER B 123 6.13 6.73 0.35
CA SER B 123 4.84 6.57 -0.27
C SER B 123 4.80 7.36 -1.58
N VAL B 124 4.08 6.81 -2.55
CA VAL B 124 3.94 7.41 -3.88
C VAL B 124 2.46 7.57 -4.14
N LEU B 125 2.09 8.75 -4.64
CA LEU B 125 0.72 9.03 -5.03
C LEU B 125 0.76 9.06 -6.56
N ALA B 126 0.31 7.97 -7.17
CA ALA B 126 0.29 7.89 -8.63
C ALA B 126 -0.87 8.72 -9.13
N CYS B 127 -0.58 9.60 -10.07
CA CYS B 127 -1.54 10.53 -10.65
C CYS B 127 -1.44 10.56 -12.17
N TYR B 128 -2.59 10.84 -12.81
CA TYR B 128 -2.73 10.98 -14.26
C TYR B 128 -3.61 12.20 -14.56
N ASN B 129 -3.11 13.11 -15.40
CA ASN B 129 -3.82 14.37 -15.71
C ASN B 129 -4.25 15.08 -14.44
N GLY B 130 -3.35 15.13 -13.45
CA GLY B 130 -3.61 15.84 -12.23
C GLY B 130 -4.57 15.17 -11.26
N ARG B 131 -5.01 13.95 -11.55
CA ARG B 131 -5.97 13.24 -10.72
C ARG B 131 -5.28 12.09 -9.97
N PRO B 132 -5.24 12.09 -8.64
CA PRO B 132 -4.74 10.91 -7.91
C PRO B 132 -5.55 9.66 -8.22
N THR B 133 -4.85 8.57 -8.52
CA THR B 133 -5.53 7.32 -8.81
C THR B 133 -5.13 6.19 -7.88
N GLY B 134 -3.93 6.20 -7.31
CA GLY B 134 -3.52 5.14 -6.41
C GLY B 134 -2.31 5.51 -5.60
N THR B 135 -2.09 4.76 -4.52
CA THR B 135 -0.93 4.98 -3.69
C THR B 135 -0.29 3.64 -3.27
N PHE B 136 1.04 3.64 -3.24
CA PHE B 136 1.79 2.45 -2.89
C PHE B 136 3.10 2.93 -2.24
N THR B 137 3.80 2.02 -1.60
CA THR B 137 5.09 2.33 -0.99
CA THR B 137 5.08 2.29 -0.96
C THR B 137 6.20 1.58 -1.71
N VAL B 138 7.33 2.25 -1.82
CA VAL B 138 8.48 1.74 -2.52
C VAL B 138 9.69 1.95 -1.63
N VAL B 139 10.77 1.26 -1.97
CA VAL B 139 12.07 1.41 -1.33
C VAL B 139 13.06 1.93 -2.36
N MET B 140 13.78 2.98 -2.03
CA MET B 140 14.80 3.45 -2.95
C MET B 140 15.91 2.42 -2.99
N ARG B 141 16.11 1.79 -4.14
CA ARG B 141 17.09 0.70 -4.20
C ARG B 141 18.52 1.22 -4.23
N PRO B 142 19.49 0.37 -3.88
CA PRO B 142 20.90 0.79 -3.97
C PRO B 142 21.34 1.23 -5.35
N ASN B 143 20.69 0.78 -6.43
CA ASN B 143 21.01 1.30 -7.75
C ASN B 143 20.11 2.48 -8.15
N TYR B 144 19.45 3.11 -7.17
CA TYR B 144 18.70 4.37 -7.32
C TYR B 144 17.51 4.25 -8.25
N THR B 145 16.88 3.09 -8.25
CA THR B 145 15.59 2.89 -8.88
C THR B 145 14.57 2.49 -7.83
N ILE B 146 13.31 2.47 -8.27
CA ILE B 146 12.18 2.03 -7.46
C ILE B 146 11.32 1.14 -8.34
N LYS B 147 10.58 0.25 -7.70
CA LYS B 147 9.63 -0.59 -8.42
C LYS B 147 8.29 0.13 -8.57
N GLY B 148 7.24 -0.37 -7.96
CA GLY B 148 5.96 0.32 -8.12
C GLY B 148 5.40 0.27 -9.53
N SER B 149 4.35 1.08 -9.75
CA SER B 149 3.46 0.99 -10.91
C SER B 149 3.25 2.38 -11.49
N PHE B 150 3.80 2.61 -12.70
CA PHE B 150 3.76 3.92 -13.36
C PHE B 150 3.52 3.68 -14.84
N LEU B 151 2.48 4.30 -15.39
CA LEU B 151 2.10 4.23 -16.81
C LEU B 151 2.34 5.57 -17.48
N CYS B 152 2.05 5.62 -18.78
CA CYS B 152 2.09 6.89 -19.50
C CYS B 152 1.21 7.92 -18.79
N GLY B 153 1.69 9.15 -18.72
CA GLY B 153 1.01 10.24 -18.04
C GLY B 153 1.33 10.37 -16.57
N SER B 154 2.13 9.47 -16.01
CA SER B 154 2.32 9.48 -14.56
C SER B 154 3.42 10.41 -14.12
N CYS B 155 4.22 10.95 -15.03
CA CYS B 155 5.30 11.83 -14.64
C CYS B 155 4.76 13.01 -13.83
N GLY B 156 5.54 13.43 -12.85
CA GLY B 156 5.08 14.44 -11.90
C GLY B 156 4.41 13.88 -10.68
N SER B 157 4.07 12.59 -10.69
CA SER B 157 3.61 11.92 -9.48
C SER B 157 4.68 12.03 -8.41
N VAL B 158 4.27 12.08 -7.14
CA VAL B 158 5.24 12.47 -6.12
C VAL B 158 5.35 11.38 -5.07
N GLY B 159 6.53 11.33 -4.47
CA GLY B 159 6.81 10.45 -3.36
C GLY B 159 7.16 11.23 -2.12
N TYR B 160 6.77 10.70 -0.97
CA TYR B 160 6.85 11.47 0.26
C TYR B 160 6.88 10.53 1.47
N THR B 161 7.39 11.06 2.58
CA THR B 161 7.13 10.51 3.90
C THR B 161 6.48 11.58 4.78
N LYS B 162 6.05 11.18 5.98
CA LYS B 162 5.45 12.11 6.94
C LYS B 162 5.97 11.80 8.33
N GLU B 163 6.48 12.84 9.02
CA GLU B 163 6.96 12.74 10.39
C GLU B 163 6.34 13.87 11.18
N GLY B 164 5.48 13.54 12.12
CA GLY B 164 4.70 14.57 12.79
C GLY B 164 3.71 15.18 11.81
N SER B 165 3.61 16.51 11.83
CA SER B 165 2.79 17.19 10.85
C SER B 165 3.51 17.45 9.54
N VAL B 166 4.77 17.05 9.40
CA VAL B 166 5.64 17.55 8.35
C VAL B 166 5.80 16.49 7.27
N ILE B 167 5.30 16.80 6.09
CA ILE B 167 5.53 15.97 4.91
C ILE B 167 6.91 16.26 4.34
N ASN B 168 7.68 15.21 4.11
CA ASN B 168 8.92 15.32 3.39
C ASN B 168 8.72 14.83 1.97
N PHE B 169 8.73 15.76 1.01
CA PHE B 169 8.68 15.40 -0.42
C PHE B 169 10.06 14.99 -0.87
N CYS B 170 10.19 13.76 -1.39
CA CYS B 170 11.49 13.20 -1.74
C CYS B 170 11.60 12.72 -3.19
N TYR B 171 10.51 12.72 -3.97
CA TYR B 171 10.56 12.08 -5.28
C TYR B 171 9.52 12.70 -6.21
N MET B 172 9.93 13.02 -7.44
CA MET B 172 8.98 13.37 -8.47
C MET B 172 9.29 12.53 -9.71
N HIS B 173 8.31 11.77 -10.15
CA HIS B 173 8.53 10.71 -11.10
C HIS B 173 8.91 11.23 -12.48
N GLN B 174 9.89 10.57 -13.13
CA GLN B 174 10.39 11.01 -14.44
C GLN B 174 10.41 9.94 -15.52
N MET B 175 10.75 8.69 -15.17
CA MET B 175 11.04 7.73 -16.23
C MET B 175 10.97 6.30 -15.75
N GLU B 176 10.80 5.42 -16.73
CA GLU B 176 10.88 3.98 -16.60
C GLU B 176 12.10 3.51 -17.38
N LEU B 177 12.82 2.55 -16.80
CA LEU B 177 14.01 1.99 -17.39
C LEU B 177 13.64 0.69 -18.11
N ALA B 178 14.57 0.22 -18.93
CA ALA B 178 14.27 -0.94 -19.77
C ALA B 178 13.92 -2.19 -18.95
N ASN B 179 14.49 -2.34 -17.76
CA ASN B 179 14.07 -3.46 -16.91
C ASN B 179 12.77 -3.17 -16.13
N GLY B 180 12.02 -2.14 -16.49
CA GLY B 180 10.72 -1.90 -15.88
C GLY B 180 10.72 -1.19 -14.53
N THR B 181 11.88 -0.93 -13.94
CA THR B 181 11.91 -0.11 -12.74
C THR B 181 11.84 1.36 -13.14
N HIS B 182 11.90 2.24 -12.14
CA HIS B 182 11.53 3.62 -12.35
C HIS B 182 12.52 4.51 -11.63
N THR B 183 12.60 5.76 -12.06
CA THR B 183 13.33 6.75 -11.28
C THR B 183 12.84 8.16 -11.62
N GLY B 184 13.35 9.11 -10.85
CA GLY B 184 12.80 10.45 -10.77
C GLY B 184 13.76 11.36 -10.04
N SER B 185 13.26 12.56 -9.73
CA SER B 185 14.07 13.63 -9.16
C SER B 185 13.81 13.76 -7.67
N ALA B 186 14.82 14.26 -6.97
CA ALA B 186 14.58 14.91 -5.69
C ALA B 186 14.17 16.35 -5.96
N PHE B 187 13.54 16.96 -4.96
CA PHE B 187 13.05 18.32 -5.16
C PHE B 187 14.15 19.36 -5.13
N ASP B 188 15.40 18.97 -4.93
CA ASP B 188 16.48 19.87 -5.27
C ASP B 188 16.81 19.86 -6.75
N GLY B 189 16.13 19.02 -7.54
CA GLY B 189 16.31 18.97 -8.96
C GLY B 189 17.22 17.87 -9.45
N THR B 190 17.92 17.16 -8.58
CA THR B 190 18.82 16.11 -9.04
C THR B 190 18.01 14.86 -9.31
N MET B 191 18.41 14.11 -10.35
CA MET B 191 17.83 12.83 -10.63
C MET B 191 18.46 11.79 -9.72
N TYR B 192 17.65 10.91 -9.14
CA TYR B 192 18.25 9.80 -8.41
C TYR B 192 19.04 8.95 -9.38
N GLY B 193 20.24 8.55 -8.96
CA GLY B 193 21.09 7.75 -9.80
C GLY B 193 21.74 8.51 -10.94
N ALA B 194 21.51 9.80 -11.05
CA ALA B 194 22.11 10.61 -12.11
C ALA B 194 21.69 10.15 -13.49
N PHE B 195 20.57 9.44 -13.60
CA PHE B 195 20.01 9.20 -14.91
C PHE B 195 19.62 10.51 -15.57
N MET B 196 19.64 10.51 -16.90
CA MET B 196 19.33 11.71 -17.66
C MET B 196 17.87 11.67 -18.11
N ASP B 197 17.22 12.83 -18.00
CA ASP B 197 15.85 12.98 -18.47
C ASP B 197 15.90 13.19 -20.00
N LYS B 198 16.31 12.12 -20.66
CA LYS B 198 16.40 11.96 -22.10
C LYS B 198 15.77 10.63 -22.45
N GLN B 199 15.08 10.56 -23.59
CA GLN B 199 14.51 9.30 -24.03
C GLN B 199 15.61 8.49 -24.72
N VAL B 200 16.40 7.82 -23.90
CA VAL B 200 17.51 7.01 -24.38
C VAL B 200 17.64 5.82 -23.47
N HIS B 201 18.07 4.70 -24.03
CA HIS B 201 18.40 3.54 -23.22
C HIS B 201 19.46 3.90 -22.18
N GLN B 202 19.12 3.70 -20.91
CA GLN B 202 20.07 3.85 -19.82
C GLN B 202 20.00 2.61 -18.96
N VAL B 203 21.16 2.08 -18.65
CA VAL B 203 21.29 0.84 -17.91
C VAL B 203 21.57 1.19 -16.46
N GLN B 204 20.69 0.74 -15.57
CA GLN B 204 20.92 0.92 -14.15
C GLN B 204 22.08 0.04 -13.68
N LEU B 205 22.74 0.46 -12.60
CA LEU B 205 23.80 -0.34 -12.00
C LEU B 205 23.22 -1.59 -11.35
N THR B 206 24.12 -2.49 -10.94
CA THR B 206 23.71 -3.69 -10.23
C THR B 206 23.08 -3.37 -8.89
N ASP B 207 22.00 -4.06 -8.57
CA ASP B 207 21.33 -3.79 -7.32
C ASP B 207 22.02 -4.58 -6.21
N LYS B 208 21.55 -4.38 -4.97
CA LYS B 208 22.13 -5.02 -3.80
C LYS B 208 21.04 -5.21 -2.76
N TYR B 209 21.25 -6.18 -1.87
CA TYR B 209 20.39 -6.34 -0.72
C TYR B 209 20.61 -5.20 0.26
N CYS B 210 19.51 -4.61 0.78
CA CYS B 210 19.59 -3.58 1.82
C CYS B 210 19.76 -4.26 3.18
N SER B 211 21.00 -4.27 3.65
CA SER B 211 21.37 -5.06 4.83
C SER B 211 20.58 -4.68 6.06
N VAL B 212 20.43 -3.39 6.30
CA VAL B 212 19.70 -2.94 7.48
C VAL B 212 18.22 -3.36 7.43
N ASN B 213 17.62 -3.45 6.24
CA ASN B 213 16.22 -3.87 6.20
C ASN B 213 16.09 -5.39 6.34
N VAL B 214 17.07 -6.14 5.85
CA VAL B 214 17.08 -7.59 6.14
C VAL B 214 17.17 -7.82 7.64
N VAL B 215 18.06 -7.08 8.33
CA VAL B 215 18.13 -7.18 9.78
C VAL B 215 16.77 -6.91 10.41
N ALA B 216 16.08 -5.85 9.95
CA ALA B 216 14.78 -5.50 10.52
C ALA B 216 13.77 -6.63 10.34
N TRP B 217 13.74 -7.22 9.16
CA TRP B 217 12.83 -8.32 8.87
C TRP B 217 13.11 -9.54 9.74
N LEU B 218 14.39 -9.82 10.00
CA LEU B 218 14.72 -10.95 10.88
C LEU B 218 14.24 -10.67 12.29
N TYR B 219 14.34 -9.42 12.72
CA TYR B 219 13.81 -9.07 14.02
C TYR B 219 12.30 -9.20 14.04
N ALA B 220 11.60 -8.76 12.98
CA ALA B 220 10.17 -9.00 12.87
C ALA B 220 9.87 -10.51 13.01
N ALA B 221 10.65 -11.34 12.34
CA ALA B 221 10.46 -12.78 12.47
C ALA B 221 10.58 -13.24 13.94
N ILE B 222 11.65 -12.81 14.63
CA ILE B 222 11.83 -13.15 16.04
C ILE B 222 10.63 -12.69 16.87
N LEU B 223 10.23 -11.42 16.69
CA LEU B 223 9.08 -10.91 17.43
C LEU B 223 7.83 -11.76 17.17
N ASN B 224 7.72 -12.32 15.98
CA ASN B 224 6.56 -13.12 15.61
C ASN B 224 6.67 -14.57 16.04
N GLY B 225 7.71 -14.94 16.78
CA GLY B 225 7.87 -16.30 17.25
C GLY B 225 8.72 -17.18 16.37
N CYS B 226 9.29 -16.66 15.31
CA CYS B 226 10.09 -17.43 14.35
C CYS B 226 11.56 -17.05 14.54
N ALA B 227 12.32 -17.91 15.27
CA ALA B 227 13.71 -17.59 15.53
C ALA B 227 14.63 -18.81 15.40
N TRP B 228 14.21 -19.81 14.61
CA TRP B 228 15.03 -20.99 14.41
C TRP B 228 16.40 -20.67 13.83
N PHE B 229 16.55 -19.51 13.18
CA PHE B 229 17.80 -19.12 12.54
C PHE B 229 18.76 -18.42 13.50
N VAL B 230 18.37 -18.18 14.75
CA VAL B 230 19.26 -17.43 15.65
C VAL B 230 20.27 -18.39 16.25
N LYS B 231 21.54 -18.08 16.13
CA LYS B 231 22.58 -18.83 16.84
C LYS B 231 23.33 -17.91 17.79
N PRO B 232 24.16 -18.46 18.68
CA PRO B 232 25.06 -17.61 19.46
C PRO B 232 26.08 -16.90 18.61
N ASN B 233 26.43 -17.47 17.47
CA ASN B 233 27.50 -16.94 16.64
C ASN B 233 27.18 -15.53 16.14
N ARG B 234 28.24 -14.75 16.02
CA ARG B 234 28.11 -13.35 15.62
C ARG B 234 29.17 -12.97 14.60
N THR B 235 28.86 -11.93 13.85
CA THR B 235 29.78 -11.27 12.95
C THR B 235 29.72 -9.78 13.26
N SER B 236 30.89 -9.18 13.43
CA SER B 236 30.93 -7.76 13.78
C SER B 236 30.41 -6.92 12.63
N VAL B 237 29.91 -5.72 12.96
CA VAL B 237 29.51 -4.79 11.90
C VAL B 237 30.67 -4.57 10.94
N VAL B 238 31.87 -4.27 11.47
CA VAL B 238 32.97 -3.93 10.58
C VAL B 238 33.30 -5.10 9.67
N SER B 239 33.31 -6.31 10.24
CA SER B 239 33.58 -7.50 9.43
C SER B 239 32.47 -7.75 8.43
N PHE B 240 31.21 -7.70 8.88
CA PHE B 240 30.10 -7.85 7.94
C PHE B 240 30.23 -6.88 6.76
N ASN B 241 30.62 -5.65 7.03
CA ASN B 241 30.63 -4.67 5.95
C ASN B 241 31.74 -4.95 4.96
N GLU B 242 32.91 -5.39 5.44
CA GLU B 242 33.92 -5.86 4.49
C GLU B 242 33.34 -6.96 3.62
N TRP B 243 32.65 -7.91 4.22
CA TRP B 243 32.04 -8.99 3.46
C TRP B 243 30.92 -8.48 2.56
N ALA B 244 30.21 -7.43 2.97
CA ALA B 244 29.06 -6.99 2.17
C ALA B 244 29.52 -6.47 0.81
N LEU B 245 30.59 -5.66 0.80
CA LEU B 245 31.16 -5.13 -0.44
C LEU B 245 31.32 -6.20 -1.52
N ALA B 246 31.71 -7.41 -1.12
CA ALA B 246 32.06 -8.44 -2.07
C ALA B 246 30.93 -9.42 -2.33
N ASN B 247 29.74 -9.20 -1.75
CA ASN B 247 28.65 -10.16 -1.88
C ASN B 247 27.29 -9.50 -2.13
N GLN B 248 27.28 -8.25 -2.57
CA GLN B 248 26.06 -7.63 -3.08
C GLN B 248 25.11 -7.25 -1.93
N PHE B 249 25.67 -6.82 -0.82
CA PHE B 249 24.92 -6.23 0.27
C PHE B 249 25.40 -4.80 0.50
N THR B 250 24.51 -3.95 0.96
CA THR B 250 24.93 -2.64 1.39
C THR B 250 25.68 -2.73 2.72
N GLU B 251 26.43 -1.67 2.99
CA GLU B 251 27.01 -1.43 4.31
C GLU B 251 25.90 -1.35 5.34
N PHE B 252 26.07 -2.04 6.46
CA PHE B 252 25.13 -1.91 7.55
C PHE B 252 25.45 -0.68 8.36
N VAL B 253 24.44 0.18 8.57
CA VAL B 253 24.58 1.34 9.43
C VAL B 253 23.47 1.26 10.45
N GLY B 254 23.86 1.17 11.72
CA GLY B 254 22.88 1.06 12.78
C GLY B 254 22.13 2.36 13.02
N THR B 255 20.97 2.22 13.63
CA THR B 255 20.08 3.33 13.94
C THR B 255 19.44 3.06 15.28
N GLN B 256 18.92 4.11 15.91
CA GLN B 256 18.18 3.91 17.15
C GLN B 256 16.96 3.02 16.94
N SER B 257 16.42 3.03 15.72
CA SER B 257 15.29 2.16 15.39
C SER B 257 15.70 0.68 15.44
N VAL B 258 16.82 0.32 14.81
CA VAL B 258 17.31 -1.06 14.94
C VAL B 258 17.57 -1.39 16.41
N ASP B 259 18.23 -0.47 17.13
CA ASP B 259 18.58 -0.74 18.52
C ASP B 259 17.36 -1.09 19.34
N MET B 260 16.22 -0.40 19.10
CA MET B 260 15.01 -0.74 19.83
C MET B 260 14.62 -2.20 19.63
N LEU B 261 14.76 -2.70 18.41
CA LEU B 261 14.40 -4.07 18.10
C LEU B 261 15.34 -5.04 18.83
N ALA B 262 16.64 -4.73 18.84
CA ALA B 262 17.60 -5.55 19.59
C ALA B 262 17.27 -5.57 21.06
N VAL B 263 16.85 -4.42 21.63
CA VAL B 263 16.55 -4.38 23.05
C VAL B 263 15.32 -5.22 23.31
N LYS B 264 14.29 -5.06 22.49
CA LYS B 264 13.05 -5.79 22.71
C LYS B 264 13.26 -7.30 22.65
N THR B 265 13.94 -7.80 21.61
CA THR B 265 14.14 -9.24 21.40
C THR B 265 15.24 -9.84 22.26
N GLY B 266 16.17 -9.02 22.75
CA GLY B 266 17.37 -9.57 23.35
C GLY B 266 18.30 -10.25 22.39
N VAL B 267 18.12 -10.06 21.08
CA VAL B 267 19.01 -10.64 20.07
C VAL B 267 19.85 -9.52 19.46
N ALA B 268 21.16 -9.72 19.45
CA ALA B 268 22.06 -8.66 19.02
C ALA B 268 22.12 -8.53 17.50
N ILE B 269 22.39 -7.29 17.05
CA ILE B 269 22.56 -7.02 15.62
C ILE B 269 23.54 -8.01 15.01
N GLU B 270 24.65 -8.24 15.71
CA GLU B 270 25.75 -9.07 15.18
C GLU B 270 25.38 -10.56 15.04
N GLN B 271 24.43 -11.08 15.82
CA GLN B 271 23.91 -12.42 15.59
C GLN B 271 23.12 -12.51 14.30
N LEU B 272 22.43 -11.43 13.93
CA LEU B 272 21.67 -11.42 12.70
C LEU B 272 22.58 -11.18 11.50
N LEU B 273 23.70 -10.46 11.66
CA LEU B 273 24.64 -10.33 10.55
C LEU B 273 25.27 -11.67 10.23
N TYR B 274 25.58 -12.47 11.25
CA TYR B 274 26.02 -13.84 11.03
C TYR B 274 24.94 -14.66 10.34
N ALA B 275 23.70 -14.58 10.84
CA ALA B 275 22.61 -15.33 10.24
C ALA B 275 22.45 -15.00 8.75
N ILE B 276 22.52 -13.71 8.40
CA ILE B 276 22.41 -13.29 7.00
C ILE B 276 23.48 -13.97 6.15
N GLN B 277 24.71 -14.03 6.67
CA GLN B 277 25.81 -14.66 5.91
C GLN B 277 25.53 -16.14 5.67
N GLN B 278 24.77 -16.79 6.57
CA GLN B 278 24.40 -18.19 6.39
C GLN B 278 23.14 -18.35 5.54
N LEU B 279 22.20 -17.40 5.60
CA LEU B 279 20.89 -17.58 5.01
C LEU B 279 20.77 -17.04 3.59
N TYR B 280 21.70 -16.21 3.12
CA TYR B 280 21.41 -15.58 1.82
C TYR B 280 21.52 -16.56 0.67
N THR B 281 22.09 -17.74 0.90
CA THR B 281 22.13 -18.82 -0.08
C THR B 281 20.87 -19.69 -0.06
N GLY B 282 19.92 -19.42 0.83
CA GLY B 282 18.74 -20.27 0.98
C GLY B 282 18.50 -20.69 2.42
N PHE B 283 17.28 -21.16 2.71
CA PHE B 283 16.87 -21.53 4.05
C PHE B 283 16.80 -23.05 4.25
N GLN B 284 17.37 -23.83 3.34
CA GLN B 284 17.45 -25.29 3.42
C GLN B 284 16.11 -25.93 3.80
N GLY B 285 15.03 -25.49 3.14
CA GLY B 285 13.73 -26.09 3.36
C GLY B 285 12.85 -25.41 4.40
N LYS B 286 13.40 -24.50 5.18
CA LYS B 286 12.60 -23.78 6.16
C LYS B 286 12.08 -22.48 5.57
N GLN B 287 11.16 -21.85 6.30
CA GLN B 287 10.63 -20.56 5.93
C GLN B 287 10.89 -19.55 7.03
N ILE B 288 10.90 -18.28 6.62
CA ILE B 288 10.91 -17.15 7.54
C ILE B 288 9.77 -16.23 7.09
N LEU B 289 8.83 -15.97 7.99
CA LEU B 289 7.67 -15.14 7.70
C LEU B 289 7.05 -15.47 6.35
N GLY B 290 6.85 -16.78 6.11
CA GLY B 290 6.26 -17.25 4.88
C GLY B 290 7.13 -17.09 3.64
N SER B 291 8.42 -16.85 3.81
CA SER B 291 9.31 -16.57 2.69
C SER B 291 10.44 -17.58 2.71
N THR B 292 10.98 -17.85 1.54
CA THR B 292 12.12 -18.74 1.39
C THR B 292 13.35 -18.00 0.92
N MET B 293 13.29 -16.69 0.80
CA MET B 293 14.45 -15.84 0.56
C MET B 293 14.36 -14.63 1.46
N LEU B 294 15.49 -13.95 1.61
CA LEU B 294 15.55 -12.79 2.50
C LEU B 294 14.74 -11.64 1.90
N GLU B 295 14.13 -10.85 2.77
CA GLU B 295 13.27 -9.74 2.38
C GLU B 295 13.94 -8.47 2.85
N ASP B 296 14.10 -7.51 1.95
CA ASP B 296 14.78 -6.26 2.28
C ASP B 296 13.96 -5.00 2.00
N GLU B 297 12.64 -5.08 1.90
CA GLU B 297 11.88 -3.87 1.64
C GLU B 297 11.03 -3.44 2.84
N PHE B 298 11.23 -4.06 4.01
CA PHE B 298 10.73 -3.55 5.28
C PHE B 298 11.86 -2.91 6.09
N THR B 299 11.62 -1.68 6.56
CA THR B 299 12.59 -0.89 7.29
C THR B 299 12.51 -1.17 8.78
N PRO B 300 13.56 -0.85 9.53
CA PRO B 300 13.44 -0.88 10.98
C PRO B 300 12.26 -0.09 11.47
N GLU B 301 11.93 1.02 10.80
CA GLU B 301 10.80 1.81 11.26
C GLU B 301 9.49 1.09 11.01
N ASP B 302 9.35 0.43 9.86
CA ASP B 302 8.19 -0.39 9.58
C ASP B 302 7.97 -1.41 10.67
N VAL B 303 9.04 -2.09 11.09
CA VAL B 303 8.87 -3.18 12.03
C VAL B 303 8.51 -2.64 13.41
N ASN B 304 9.14 -1.54 13.81
CA ASN B 304 8.79 -0.95 15.10
C ASN B 304 7.35 -0.45 15.08
N MET B 305 6.94 0.17 13.98
CA MET B 305 5.58 0.72 13.91
C MET B 305 4.55 -0.39 13.87
N GLN B 306 4.80 -1.46 13.12
CA GLN B 306 3.74 -2.42 12.83
C GLN B 306 3.71 -3.63 13.74
N ILE B 307 4.83 -4.01 14.35
CA ILE B 307 4.82 -5.18 15.22
C ILE B 307 4.86 -4.79 16.70
N MET B 308 5.17 -3.53 17.01
CA MET B 308 5.19 -3.05 18.40
C MET B 308 4.27 -1.82 18.65
C12 QZD C . -8.33 -4.40 17.66
C14 QZD C . -6.58 -5.92 16.71
N15 QZD C . -5.26 -6.10 17.09
C16 QZD C . -5.11 -5.98 18.52
C02 QZD C . -9.47 -8.95 20.05
C04 QZD C . -11.16 -7.18 20.38
C05 QZD C . -12.41 -6.77 21.27
C06 QZD C . -13.56 -7.83 21.33
C07 QZD C . -14.70 -7.48 22.30
C08 QZD C . -14.14 -8.09 19.95
C09 QZD C . -10.17 -5.97 20.20
C11 QZD C . -9.23 -4.08 18.87
C13 QZD C . -7.46 -5.64 17.90
C17 QZD C . -6.46 -5.42 18.98
C19 QZD C . -10.03 -2.77 18.69
C23 QZD C . -7.89 -10.69 20.91
C24 QZD C . -7.95 -12.09 21.60
C25 QZD C . -8.75 -13.14 20.82
C26 QZD C . -6.81 -10.80 19.83
C28 QZD C . -5.14 -10.25 21.40
C30 QZD C . -7.35 -9.57 21.81
N03 QZD C . -10.35 -8.26 20.90
N10 QZD C . -10.14 -5.22 19.09
O01 QZD C . -9.11 -8.46 18.97
O18 QZD C . -6.91 -6.00 15.53
O20 QZD C . -9.06 -1.78 18.38
O21 QZD C . -9.37 -5.70 21.10
O22 QZD C . -9.13 -10.24 20.36
O27 QZD C . -5.61 -11.21 20.48
O29 QZD C . -6.12 -9.98 22.36
C12 QZD D . 6.59 7.95 -17.53
C14 QZD D . 6.83 5.52 -17.09
N15 QZD D . 6.21 4.43 -17.66
C16 QZD D . 5.93 4.65 -19.07
C02 QZD D . 10.74 6.81 -20.52
C04 QZD D . 10.35 9.27 -20.17
C05 QZD D . 10.63 10.70 -20.83
C06 QZD D . 12.15 11.06 -20.95
C07 QZD D . 12.40 12.42 -21.62
C08 QZD D . 12.83 11.07 -19.57
C09 QZD D . 8.85 9.09 -19.93
C11 QZD D . 6.85 9.12 -18.50
C13 QZD D . 7.02 6.62 -18.10
C17 QZD D . 6.10 6.14 -19.25
C19 QZD D . 6.24 10.49 -17.96
C23 QZD D . 10.90 4.56 -21.76
C24 QZD D . 11.95 3.45 -22.06
C25 QZD D . 13.36 3.92 -22.46
C26 QZD D . 9.83 3.97 -20.78
C28 QZD D . 8.40 3.47 -22.54
C30 QZD D . 10.10 4.95 -23.03
N03 QZD D . 10.80 8.13 -20.99
N10 QZD D . 8.27 9.26 -18.74
O01 QZD D . 10.21 6.55 -19.44
O18 QZD D . 7.15 5.53 -15.90
O20 QZD D . 4.89 10.22 -17.68
O21 QZD D . 8.15 8.70 -20.85
O22 QZD D . 11.43 5.81 -21.24
O27 QZD D . 9.09 2.97 -21.46
O29 QZD D . 9.30 3.90 -23.49
#